data_3FUQ
#
_entry.id   3FUQ
#
_cell.length_a   42.330
_cell.length_b   74.180
_cell.length_c   74.770
_cell.angle_alpha   90.00
_cell.angle_beta   106.36
_cell.angle_gamma   90.00
#
_symmetry.space_group_name_H-M   'P 1 21 1'
#
loop_
_entity.id
_entity.type
_entity.pdbx_description
1 polymer 'BoNT/F (Neurotoxin type F)'
2 water water
#
_entity_poly.entity_id   1
_entity_poly.type   'polypeptide(L)'
_entity_poly.pdbx_seq_one_letter_code
;LYKKIKDNSILDMRYENNKFIDISGYGSNISINGDVYIYSTNRNQFGIYSSKPSEVNIAQNNDIIYNGRYQNFSISFWVR
IPKYFNKVNLNNEYTIIDCIRNNNSGWKISLNYNKIIWTLQDTAGNNQKLVFNYTQMISISDYINKWIFVTITNNRLGNS
RIYINGNLIDEKSISNLGDIHVSDNILFKIVGCNDTRYVGIRYFKVFDTELGKTEIETLYSDEPDPSILKDFWGNYLLYN
KRYYLLNLLRTDKSITQNSNFLNINQQRGVYQKPNIFSNTRLYTGVEVIIRKNGSTDISNTDNFVRKNDLAYINVVDRDV
EYRLYADISIAKPEKIIKLIRTSNSNNSLGQIIVMDSIGNNCTMNFQNNNGGNIGLLGFHSNNLVASSWYYNNIRKNTSS
NGCFWSFISKEHGWQEN
;
_entity_poly.pdbx_strand_id   A
#
# COMPACT_ATOMS: atom_id res chain seq x y z
N ASP A 7 7.81 19.79 -3.43
CA ASP A 7 8.74 20.04 -4.57
C ASP A 7 8.31 21.24 -5.42
N ASN A 8 7.09 21.19 -5.94
CA ASN A 8 6.56 22.28 -6.74
C ASN A 8 5.06 22.11 -7.05
N SER A 9 4.36 21.41 -6.16
CA SER A 9 2.92 21.21 -6.33
C SER A 9 2.21 22.49 -5.93
N ILE A 10 1.02 22.73 -6.49
CA ILE A 10 0.26 23.93 -6.16
C ILE A 10 -0.71 23.66 -5.01
N LEU A 11 -0.66 22.45 -4.49
CA LEU A 11 -1.51 22.05 -3.38
C LEU A 11 -0.91 20.76 -2.84
N ASP A 12 -0.63 20.74 -1.55
CA ASP A 12 -0.02 19.58 -0.93
C ASP A 12 -0.56 19.43 0.48
N MET A 13 -1.52 18.53 0.64
CA MET A 13 -2.17 18.31 1.94
C MET A 13 -1.49 17.31 2.85
N ARG A 14 -1.19 17.77 4.07
CA ARG A 14 -0.58 16.95 5.10
C ARG A 14 -1.42 17.15 6.35
N TYR A 15 -1.30 16.23 7.30
CA TYR A 15 -2.02 16.37 8.55
C TYR A 15 -0.93 16.60 9.59
N GLU A 16 -0.88 17.82 10.13
CA GLU A 16 0.14 18.16 11.11
C GLU A 16 -0.49 18.92 12.26
N ASN A 17 -0.02 18.63 13.46
CA ASN A 17 -0.53 19.30 14.65
C ASN A 17 -2.05 19.27 14.76
N ASN A 18 -2.60 18.05 14.67
CA ASN A 18 -4.04 17.83 14.78
C ASN A 18 -4.94 18.56 13.80
N LYS A 19 -4.43 18.82 12.59
CA LYS A 19 -5.24 19.47 11.57
C LYS A 19 -4.61 19.33 10.20
N PHE A 20 -5.43 19.38 9.15
CA PHE A 20 -4.91 19.26 7.80
C PHE A 20 -4.40 20.62 7.39
N ILE A 21 -3.37 20.65 6.55
CA ILE A 21 -2.80 21.91 6.10
C ILE A 21 -2.13 21.79 4.73
N ASP A 22 -2.21 22.85 3.94
CA ASP A 22 -1.61 22.88 2.61
C ASP A 22 -0.18 23.39 2.74
N ILE A 23 0.75 22.46 2.94
CA ILE A 23 2.17 22.82 3.11
C ILE A 23 2.86 23.32 1.85
N SER A 24 2.13 23.44 0.75
CA SER A 24 2.74 23.93 -0.47
C SER A 24 2.93 25.44 -0.31
N GLY A 25 2.23 26.00 0.68
CA GLY A 25 2.33 27.42 0.93
C GLY A 25 1.68 28.22 -0.18
N TYR A 26 0.88 27.56 -1.00
CA TYR A 26 0.21 28.22 -2.10
C TYR A 26 -1.02 28.98 -1.58
N GLY A 27 -1.59 28.51 -0.48
CA GLY A 27 -2.72 29.22 0.08
C GLY A 27 -4.10 28.60 0.14
N SER A 28 -4.21 27.27 0.07
CA SER A 28 -5.52 26.65 0.15
C SER A 28 -5.83 26.36 1.61
N ASN A 29 -7.10 26.45 1.98
CA ASN A 29 -7.53 26.19 3.34
C ASN A 29 -8.23 24.84 3.42
N ILE A 30 -8.03 24.14 4.53
CA ILE A 30 -8.63 22.83 4.69
C ILE A 30 -9.41 22.70 5.98
N SER A 31 -10.58 22.05 5.90
CA SER A 31 -11.40 21.86 7.08
C SER A 31 -11.86 20.42 7.17
N ILE A 32 -12.24 20.02 8.37
CA ILE A 32 -12.71 18.67 8.63
C ILE A 32 -14.14 18.74 9.16
N ASN A 33 -14.90 17.68 8.94
CA ASN A 33 -16.27 17.64 9.42
C ASN A 33 -16.59 16.22 9.88
N GLY A 34 -17.21 16.12 11.05
CA GLY A 34 -17.57 14.81 11.58
C GLY A 34 -16.36 14.02 12.03
N ASP A 35 -16.43 12.71 11.84
CA ASP A 35 -15.35 11.85 12.27
C ASP A 35 -14.43 11.37 11.14
N VAL A 36 -13.17 11.79 11.25
CA VAL A 36 -12.13 11.45 10.28
C VAL A 36 -11.04 10.69 11.03
N TYR A 37 -10.82 9.45 10.64
CA TYR A 37 -9.80 8.60 11.27
C TYR A 37 -8.37 9.01 10.91
N ILE A 38 -7.52 9.12 11.92
CA ILE A 38 -6.11 9.47 11.69
C ILE A 38 -5.26 8.31 12.20
N TYR A 39 -4.42 7.75 11.34
CA TYR A 39 -3.55 6.63 11.73
C TYR A 39 -2.53 7.10 12.77
N SER A 40 -2.26 6.26 13.76
CA SER A 40 -1.29 6.61 14.80
C SER A 40 0.15 6.42 14.31
N THR A 41 0.37 5.41 13.48
CA THR A 41 1.71 5.13 12.98
C THR A 41 2.16 6.12 11.90
N ASN A 42 1.21 6.69 11.18
CA ASN A 42 1.50 7.68 10.14
C ASN A 42 0.31 8.62 10.09
N ARG A 43 0.45 9.76 10.75
CA ARG A 43 -0.59 10.78 10.85
C ARG A 43 -1.07 11.32 9.51
N ASN A 44 -0.32 11.08 8.43
CA ASN A 44 -0.74 11.56 7.11
C ASN A 44 -1.75 10.63 6.45
N GLN A 45 -1.98 9.48 7.08
CA GLN A 45 -2.95 8.52 6.58
C GLN A 45 -4.25 8.76 7.34
N PHE A 46 -5.32 9.06 6.62
CA PHE A 46 -6.61 9.30 7.25
C PHE A 46 -7.72 8.49 6.58
N GLY A 47 -8.79 8.23 7.32
CA GLY A 47 -9.92 7.49 6.78
C GLY A 47 -11.24 8.22 6.87
N ILE A 48 -12.09 8.01 5.88
CA ILE A 48 -13.41 8.64 5.86
C ILE A 48 -14.47 7.54 5.78
N TYR A 49 -15.62 7.78 6.43
CA TYR A 49 -16.70 6.79 6.46
C TYR A 49 -17.90 7.12 5.58
N SER A 50 -18.70 6.09 5.28
CA SER A 50 -19.87 6.26 4.44
C SER A 50 -21.21 6.45 5.17
N SER A 51 -21.32 5.97 6.40
CA SER A 51 -22.61 6.04 7.11
C SER A 51 -22.81 7.13 8.16
N LYS A 52 -21.81 7.99 8.34
CA LYS A 52 -21.92 9.06 9.32
C LYS A 52 -21.12 10.26 8.89
N PRO A 53 -21.46 11.45 9.41
CA PRO A 53 -20.72 12.66 9.04
C PRO A 53 -19.22 12.40 9.11
N SER A 54 -18.54 12.57 7.99
CA SER A 54 -17.11 12.34 7.89
C SER A 54 -16.63 12.92 6.58
N GLU A 55 -15.73 13.89 6.64
CA GLU A 55 -15.24 14.48 5.42
C GLU A 55 -14.10 15.45 5.65
N VAL A 56 -13.35 15.69 4.58
CA VAL A 56 -12.26 16.63 4.61
C VAL A 56 -12.47 17.49 3.39
N ASN A 57 -12.44 18.80 3.58
CA ASN A 57 -12.66 19.70 2.45
C ASN A 57 -11.59 20.73 2.28
N ILE A 58 -11.06 20.80 1.06
CA ILE A 58 -10.05 21.78 0.73
C ILE A 58 -10.76 22.91 0.00
N ALA A 59 -10.69 24.11 0.55
CA ALA A 59 -11.28 25.28 -0.09
C ALA A 59 -10.08 25.79 -0.87
N GLN A 60 -10.07 25.49 -2.17
CA GLN A 60 -8.99 25.86 -3.07
C GLN A 60 -8.72 27.34 -3.24
N ASN A 61 -7.43 27.68 -3.29
CA ASN A 61 -7.00 29.05 -3.49
C ASN A 61 -7.62 29.43 -4.84
N ASN A 62 -8.12 30.65 -4.95
CA ASN A 62 -8.75 31.08 -6.18
C ASN A 62 -7.85 30.88 -7.39
N ASP A 63 -6.54 31.03 -7.21
CA ASP A 63 -5.62 30.88 -8.32
C ASP A 63 -5.47 29.49 -8.90
N ILE A 64 -5.95 28.47 -8.19
CA ILE A 64 -5.86 27.11 -8.73
C ILE A 64 -7.23 26.60 -9.13
N ILE A 65 -8.24 27.47 -9.10
CA ILE A 65 -9.56 27.07 -9.52
C ILE A 65 -9.59 27.32 -11.02
N TYR A 66 -8.93 26.42 -11.76
CA TYR A 66 -8.82 26.52 -13.21
C TYR A 66 -10.16 26.57 -13.91
N ASN A 67 -10.18 27.24 -15.06
CA ASN A 67 -11.41 27.39 -15.81
C ASN A 67 -11.26 27.12 -17.31
N GLY A 68 -10.29 27.76 -17.94
CA GLY A 68 -10.08 27.60 -19.38
C GLY A 68 -10.00 26.21 -20.01
N ARG A 69 -9.47 26.18 -21.22
CA ARG A 69 -9.33 24.94 -21.96
C ARG A 69 -7.87 24.51 -22.23
N TYR A 70 -6.91 25.19 -21.60
CA TYR A 70 -5.50 24.85 -21.86
C TYR A 70 -4.60 24.53 -20.68
N GLN A 71 -5.10 24.67 -19.46
CA GLN A 71 -4.28 24.41 -18.28
C GLN A 71 -4.05 22.92 -17.97
N ASN A 72 -2.82 22.45 -18.17
CA ASN A 72 -2.52 21.06 -17.86
C ASN A 72 -2.40 20.93 -16.33
N PHE A 73 -2.82 19.80 -15.79
CA PHE A 73 -2.73 19.54 -14.35
C PHE A 73 -2.70 18.06 -14.06
N SER A 74 -2.20 17.72 -12.87
CA SER A 74 -2.13 16.33 -12.45
C SER A 74 -2.49 16.26 -10.98
N ILE A 75 -2.90 15.07 -10.54
CA ILE A 75 -3.21 14.86 -9.14
C ILE A 75 -2.62 13.52 -8.74
N SER A 76 -2.17 13.41 -7.50
CA SER A 76 -1.60 12.17 -7.01
C SER A 76 -2.02 11.97 -5.58
N PHE A 77 -2.12 10.70 -5.19
CA PHE A 77 -2.53 10.36 -3.83
C PHE A 77 -2.53 8.83 -3.72
N TRP A 78 -2.52 8.33 -2.49
CA TRP A 78 -2.58 6.89 -2.28
C TRP A 78 -3.94 6.65 -1.67
N VAL A 79 -4.53 5.50 -1.96
CA VAL A 79 -5.83 5.16 -1.43
C VAL A 79 -5.79 3.71 -0.98
N ARG A 80 -6.48 3.40 0.12
CA ARG A 80 -6.54 2.03 0.61
C ARG A 80 -8.00 1.63 0.72
N ILE A 81 -8.36 0.59 -0.01
CA ILE A 81 -9.71 0.09 -0.11
C ILE A 81 -9.83 -1.32 0.44
N PRO A 82 -10.58 -1.50 1.54
CA PRO A 82 -10.78 -2.80 2.16
C PRO A 82 -11.41 -3.80 1.18
N LYS A 83 -11.27 -5.09 1.47
CA LYS A 83 -11.83 -6.11 0.61
C LYS A 83 -13.34 -5.96 0.66
N TYR A 84 -14.01 -6.07 -0.47
CA TYR A 84 -15.47 -5.97 -0.50
C TYR A 84 -16.00 -7.36 -0.15
N PHE A 85 -16.95 -7.46 0.77
CA PHE A 85 -17.49 -8.77 1.11
C PHE A 85 -19.02 -8.89 1.18
N ASN A 86 -19.72 -7.89 0.66
CA ASN A 86 -21.18 -7.93 0.65
C ASN A 86 -21.75 -7.75 -0.74
N LYS A 87 -22.89 -8.38 -0.99
CA LYS A 87 -23.57 -8.33 -2.27
C LYS A 87 -23.85 -6.87 -2.66
N VAL A 88 -24.15 -6.04 -1.66
CA VAL A 88 -24.43 -4.62 -1.86
C VAL A 88 -23.30 -3.88 -2.56
N ASN A 89 -22.07 -4.37 -2.43
CA ASN A 89 -20.90 -3.72 -3.04
C ASN A 89 -20.73 -3.96 -4.55
N LEU A 90 -21.27 -5.08 -5.04
CA LEU A 90 -21.12 -5.49 -6.43
C LEU A 90 -21.25 -4.50 -7.60
N ASN A 91 -22.29 -3.68 -7.62
CA ASN A 91 -22.44 -2.70 -8.70
C ASN A 91 -22.96 -1.42 -8.05
N ASN A 92 -22.06 -0.76 -7.34
CA ASN A 92 -22.42 0.46 -6.62
C ASN A 92 -21.26 1.45 -6.65
N GLU A 93 -21.27 2.35 -7.63
CA GLU A 93 -20.19 3.33 -7.74
C GLU A 93 -20.43 4.49 -6.77
N TYR A 94 -19.39 4.84 -6.02
CA TYR A 94 -19.49 5.93 -5.07
C TYR A 94 -18.29 6.86 -5.19
N THR A 95 -18.51 8.15 -4.98
CA THR A 95 -17.46 9.15 -5.07
C THR A 95 -16.64 9.16 -3.78
N ILE A 96 -15.35 9.50 -3.88
CA ILE A 96 -14.50 9.60 -2.69
C ILE A 96 -13.80 10.97 -2.68
N ILE A 97 -13.41 11.45 -3.85
CA ILE A 97 -12.76 12.77 -3.98
C ILE A 97 -13.53 13.53 -5.05
N ASP A 98 -14.18 14.63 -4.65
CA ASP A 98 -15.02 15.41 -5.55
C ASP A 98 -14.56 16.85 -5.83
N CYS A 99 -14.40 17.17 -7.12
CA CYS A 99 -14.02 18.52 -7.52
C CYS A 99 -14.89 18.89 -8.72
N ILE A 100 -16.17 18.56 -8.59
CA ILE A 100 -17.16 18.82 -9.61
C ILE A 100 -17.95 20.07 -9.26
N ARG A 101 -18.11 20.96 -10.23
CA ARG A 101 -18.83 22.22 -10.03
C ARG A 101 -20.28 22.11 -10.49
N ASN A 102 -21.20 22.64 -9.69
CA ASN A 102 -22.63 22.62 -10.01
C ASN A 102 -23.09 21.31 -10.62
N ASN A 103 -22.55 20.19 -10.13
CA ASN A 103 -22.91 18.87 -10.63
C ASN A 103 -22.65 18.76 -12.13
N ASN A 104 -21.62 19.45 -12.61
CA ASN A 104 -21.30 19.45 -14.03
C ASN A 104 -19.81 19.35 -14.37
N SER A 105 -19.18 20.52 -14.57
CA SER A 105 -17.77 20.60 -14.93
C SER A 105 -16.81 20.26 -13.80
N GLY A 106 -15.61 19.80 -14.16
CA GLY A 106 -14.60 19.47 -13.17
C GLY A 106 -14.13 18.03 -13.22
N TRP A 107 -13.61 17.54 -12.11
CA TRP A 107 -13.14 16.17 -12.02
C TRP A 107 -13.51 15.53 -10.69
N LYS A 108 -13.46 14.22 -10.65
CA LYS A 108 -13.75 13.48 -9.44
C LYS A 108 -13.12 12.11 -9.53
N ILE A 109 -12.87 11.52 -8.36
CA ILE A 109 -12.33 10.18 -8.28
C ILE A 109 -13.44 9.41 -7.60
N SER A 110 -13.85 8.30 -8.20
CA SER A 110 -14.91 7.49 -7.63
C SER A 110 -14.47 6.03 -7.63
N LEU A 111 -15.14 5.21 -6.84
CA LEU A 111 -14.82 3.79 -6.76
C LEU A 111 -16.06 2.94 -7.00
N ASN A 112 -15.82 1.65 -7.20
CA ASN A 112 -16.87 0.67 -7.41
C ASN A 112 -16.16 -0.67 -7.24
N TYR A 113 -16.94 -1.74 -7.06
CA TYR A 113 -16.34 -3.06 -6.92
C TYR A 113 -15.31 -3.23 -8.04
N ASN A 114 -14.09 -3.63 -7.68
CA ASN A 114 -13.02 -3.85 -8.65
C ASN A 114 -12.61 -2.67 -9.52
N LYS A 115 -12.88 -1.43 -9.09
CA LYS A 115 -12.50 -0.29 -9.92
C LYS A 115 -12.19 1.02 -9.22
N ILE A 116 -11.30 1.79 -9.84
CA ILE A 116 -10.92 3.12 -9.35
C ILE A 116 -11.22 3.94 -10.61
N ILE A 117 -12.09 4.93 -10.48
CA ILE A 117 -12.53 5.70 -11.64
C ILE A 117 -12.26 7.20 -11.60
N TRP A 118 -11.68 7.71 -12.68
CA TRP A 118 -11.40 9.13 -12.79
C TRP A 118 -12.32 9.71 -13.84
N THR A 119 -12.93 10.85 -13.53
CA THR A 119 -13.85 11.49 -14.46
C THR A 119 -13.50 12.97 -14.62
N LEU A 120 -13.35 13.39 -15.88
CA LEU A 120 -13.03 14.77 -16.22
C LEU A 120 -14.15 15.24 -17.14
N GLN A 121 -14.76 16.38 -16.83
CA GLN A 121 -15.87 16.88 -17.64
C GLN A 121 -15.79 18.39 -17.84
N ASP A 122 -16.21 18.86 -19.01
CA ASP A 122 -16.20 20.28 -19.28
C ASP A 122 -17.59 20.88 -19.04
N THR A 123 -17.69 22.21 -19.13
CA THR A 123 -18.95 22.90 -18.90
C THR A 123 -20.08 22.53 -19.86
N ALA A 124 -19.73 22.03 -21.04
CA ALA A 124 -20.73 21.64 -22.02
C ALA A 124 -21.22 20.21 -21.83
N GLY A 125 -20.68 19.51 -20.84
CA GLY A 125 -21.13 18.15 -20.59
C GLY A 125 -20.24 17.07 -21.21
N ASN A 126 -19.31 17.46 -22.07
CA ASN A 126 -18.42 16.48 -22.69
C ASN A 126 -17.52 15.95 -21.58
N ASN A 127 -17.26 14.64 -21.57
CA ASN A 127 -16.39 14.09 -20.55
C ASN A 127 -15.52 12.96 -21.06
N GLN A 128 -14.61 12.53 -20.21
CA GLN A 128 -13.70 11.45 -20.53
C GLN A 128 -13.46 10.77 -19.21
N LYS A 129 -13.50 9.44 -19.22
CA LYS A 129 -13.27 8.66 -18.02
C LYS A 129 -12.05 7.75 -18.19
N LEU A 130 -11.32 7.54 -17.10
CA LEU A 130 -10.16 6.66 -17.10
C LEU A 130 -10.46 5.65 -15.99
N VAL A 131 -10.21 4.37 -16.25
CA VAL A 131 -10.52 3.35 -15.26
C VAL A 131 -9.40 2.34 -14.98
N PHE A 132 -9.18 2.06 -13.70
CA PHE A 132 -8.21 1.06 -13.30
C PHE A 132 -9.04 -0.13 -12.82
N ASN A 133 -8.82 -1.29 -13.42
CA ASN A 133 -9.55 -2.49 -13.05
C ASN A 133 -8.69 -3.46 -12.26
N TYR A 134 -9.22 -4.01 -11.18
CA TYR A 134 -8.52 -5.02 -10.40
C TYR A 134 -9.56 -6.07 -10.01
N THR A 135 -9.15 -7.21 -9.46
CA THR A 135 -10.12 -8.26 -9.15
C THR A 135 -10.01 -8.82 -7.73
N GLN A 136 -11.05 -9.54 -7.30
CA GLN A 136 -11.04 -10.13 -5.97
C GLN A 136 -10.95 -11.67 -6.10
N MET A 137 -10.90 -12.13 -7.34
CA MET A 137 -10.75 -13.57 -7.65
C MET A 137 -9.29 -13.72 -8.06
N ILE A 138 -8.41 -13.82 -7.08
CA ILE A 138 -6.98 -13.93 -7.34
C ILE A 138 -6.31 -14.47 -6.09
N SER A 139 -5.27 -15.27 -6.26
CA SER A 139 -4.57 -15.85 -5.12
C SER A 139 -4.03 -14.77 -4.17
N ILE A 140 -3.22 -13.87 -4.70
CA ILE A 140 -2.63 -12.79 -3.92
C ILE A 140 -2.84 -11.48 -4.68
N SER A 141 -3.42 -10.50 -4.01
CA SER A 141 -3.66 -9.21 -4.65
C SER A 141 -2.70 -8.13 -4.18
N ASP A 142 -2.21 -7.34 -5.14
CA ASP A 142 -1.30 -6.25 -4.84
C ASP A 142 -2.12 -4.99 -4.54
N TYR A 143 -3.45 -5.12 -4.60
CA TYR A 143 -4.31 -3.96 -4.40
C TYR A 143 -5.31 -4.00 -3.25
N ILE A 144 -6.01 -5.13 -3.08
CA ILE A 144 -7.02 -5.21 -2.03
C ILE A 144 -6.48 -4.90 -0.63
N ASN A 145 -7.06 -3.87 -0.01
CA ASN A 145 -6.69 -3.41 1.34
C ASN A 145 -5.24 -2.97 1.50
N LYS A 146 -4.60 -2.66 0.38
CA LYS A 146 -3.22 -2.20 0.39
C LYS A 146 -3.21 -0.76 -0.10
N TRP A 147 -2.19 0.02 0.28
CA TRP A 147 -2.12 1.38 -0.20
C TRP A 147 -1.79 1.35 -1.69
N ILE A 148 -2.62 2.02 -2.49
CA ILE A 148 -2.41 2.08 -3.93
C ILE A 148 -2.09 3.51 -4.33
N PHE A 149 -0.99 3.69 -5.06
CA PHE A 149 -0.60 5.01 -5.50
C PHE A 149 -1.23 5.37 -6.85
N VAL A 150 -2.07 6.39 -6.85
CA VAL A 150 -2.74 6.80 -8.06
C VAL A 150 -2.20 8.14 -8.54
N THR A 151 -2.16 8.30 -9.86
CA THR A 151 -1.70 9.56 -10.42
C THR A 151 -2.43 9.76 -11.74
N ILE A 152 -3.10 10.90 -11.85
CA ILE A 152 -3.81 11.23 -13.07
C ILE A 152 -3.11 12.46 -13.64
N THR A 153 -2.77 12.43 -14.92
CA THR A 153 -2.11 13.57 -15.55
C THR A 153 -2.95 13.99 -16.75
N ASN A 154 -3.06 15.30 -16.95
CA ASN A 154 -3.89 15.80 -18.03
C ASN A 154 -3.21 16.80 -18.95
N ASN A 155 -3.05 16.41 -20.20
CA ASN A 155 -2.46 17.27 -21.22
C ASN A 155 -3.64 17.76 -22.06
N ARG A 156 -4.04 19.01 -21.87
CA ARG A 156 -5.17 19.55 -22.60
C ARG A 156 -5.00 19.48 -24.12
N LEU A 157 -3.75 19.42 -24.58
CA LEU A 157 -3.50 19.34 -26.01
C LEU A 157 -3.22 17.89 -26.40
N GLY A 158 -3.41 16.99 -25.45
CA GLY A 158 -3.17 15.59 -25.72
C GLY A 158 -4.11 14.66 -24.97
N ASN A 159 -3.52 13.77 -24.17
CA ASN A 159 -4.28 12.79 -23.43
C ASN A 159 -4.33 12.95 -21.93
N SER A 160 -5.27 12.25 -21.33
CA SER A 160 -5.39 12.22 -19.89
C SER A 160 -4.81 10.83 -19.63
N ARG A 161 -4.10 10.67 -18.52
CA ARG A 161 -3.50 9.37 -18.24
C ARG A 161 -3.63 8.97 -16.78
N ILE A 162 -3.82 7.68 -16.55
CA ILE A 162 -3.94 7.20 -15.19
C ILE A 162 -2.82 6.22 -14.91
N TYR A 163 -2.09 6.49 -13.83
CA TYR A 163 -0.99 5.65 -13.41
C TYR A 163 -1.37 4.98 -12.08
N ILE A 164 -0.97 3.73 -11.92
CA ILE A 164 -1.23 2.97 -10.71
C ILE A 164 0.13 2.43 -10.28
N ASN A 165 0.55 2.81 -9.07
CA ASN A 165 1.85 2.41 -8.55
C ASN A 165 2.95 2.69 -9.58
N GLY A 166 2.91 3.90 -10.13
CA GLY A 166 3.90 4.35 -11.09
C GLY A 166 3.86 3.80 -12.51
N ASN A 167 2.88 2.96 -12.80
CA ASN A 167 2.75 2.37 -14.12
C ASN A 167 1.51 2.85 -14.87
N LEU A 168 1.70 3.26 -16.11
CA LEU A 168 0.59 3.72 -16.94
C LEU A 168 -0.42 2.59 -17.14
N ILE A 169 -1.68 2.84 -16.77
CA ILE A 169 -2.72 1.83 -16.92
C ILE A 169 -3.58 2.10 -18.15
N ASP A 170 -3.87 3.38 -18.39
CA ASP A 170 -4.66 3.72 -19.56
C ASP A 170 -4.61 5.23 -19.80
N GLU A 171 -4.90 5.60 -21.04
CA GLU A 171 -4.90 7.01 -21.43
C GLU A 171 -5.89 7.21 -22.57
N LYS A 172 -6.49 8.39 -22.60
CA LYS A 172 -7.45 8.71 -23.64
C LYS A 172 -7.30 10.16 -24.00
N SER A 173 -7.62 10.49 -25.24
CA SER A 173 -7.55 11.87 -25.71
C SER A 173 -8.64 12.68 -25.03
N ILE A 174 -8.33 13.93 -24.70
CA ILE A 174 -9.32 14.81 -24.12
C ILE A 174 -9.54 15.99 -25.07
N SER A 175 -9.41 15.71 -26.35
CA SER A 175 -9.61 16.71 -27.38
C SER A 175 -11.10 17.07 -27.43
N ASN A 176 -11.95 16.18 -26.92
CA ASN A 176 -13.38 16.44 -26.90
C ASN A 176 -13.76 17.36 -25.74
N LEU A 177 -12.76 17.75 -24.95
CA LEU A 177 -12.97 18.61 -23.80
C LEU A 177 -12.61 20.07 -24.05
N GLY A 178 -13.57 20.95 -23.78
CA GLY A 178 -13.35 22.36 -23.99
C GLY A 178 -13.04 23.10 -22.70
N ASP A 179 -14.04 23.81 -22.18
CA ASP A 179 -13.86 24.56 -20.95
C ASP A 179 -14.03 23.71 -19.70
N ILE A 180 -12.93 23.48 -19.00
CA ILE A 180 -13.00 22.71 -17.77
C ILE A 180 -12.93 23.70 -16.62
N HIS A 181 -14.01 23.79 -15.85
CA HIS A 181 -14.06 24.70 -14.71
C HIS A 181 -14.21 23.86 -13.45
N VAL A 182 -13.13 23.67 -12.70
CA VAL A 182 -13.18 22.86 -11.50
C VAL A 182 -13.92 23.55 -10.35
N SER A 183 -14.28 22.76 -9.34
CA SER A 183 -14.99 23.26 -8.17
C SER A 183 -14.10 24.10 -7.28
N ASP A 184 -14.73 24.97 -6.48
CA ASP A 184 -14.00 25.82 -5.54
C ASP A 184 -13.45 24.92 -4.44
N ASN A 185 -14.03 23.73 -4.31
CA ASN A 185 -13.62 22.80 -3.27
C ASN A 185 -13.27 21.40 -3.78
N ILE A 186 -12.43 20.71 -3.02
CA ILE A 186 -12.05 19.33 -3.31
C ILE A 186 -12.56 18.67 -2.04
N LEU A 187 -13.64 17.91 -2.17
CA LEU A 187 -14.26 17.25 -1.03
C LEU A 187 -13.92 15.76 -0.92
N PHE A 188 -13.34 15.39 0.22
CA PHE A 188 -12.97 14.01 0.48
C PHE A 188 -14.12 13.47 1.31
N LYS A 189 -14.99 12.70 0.65
CA LYS A 189 -16.16 12.13 1.30
C LYS A 189 -16.80 11.01 0.47
N ILE A 190 -17.20 9.95 1.16
CA ILE A 190 -17.85 8.83 0.49
C ILE A 190 -19.31 9.21 0.22
N VAL A 191 -19.65 9.32 -1.05
CA VAL A 191 -21.01 9.70 -1.47
C VAL A 191 -21.59 8.70 -2.47
N GLY A 192 -22.76 8.16 -2.17
CA GLY A 192 -23.38 7.21 -3.07
C GLY A 192 -23.15 5.75 -2.71
N CYS A 193 -22.39 5.49 -1.65
CA CYS A 193 -22.14 4.11 -1.23
C CYS A 193 -23.34 3.58 -0.44
N ASN A 194 -23.85 2.42 -0.85
CA ASN A 194 -25.02 1.81 -0.21
C ASN A 194 -24.69 0.88 0.95
N ASP A 195 -23.41 0.81 1.32
CA ASP A 195 -22.98 -0.08 2.38
C ASP A 195 -22.26 0.69 3.49
N THR A 196 -21.89 -0.02 4.55
CA THR A 196 -21.15 0.58 5.66
C THR A 196 -19.69 0.35 5.28
N ARG A 197 -19.05 1.38 4.76
CA ARG A 197 -17.68 1.30 4.31
C ARG A 197 -16.83 2.51 4.67
N TYR A 198 -15.53 2.38 4.43
CA TYR A 198 -14.59 3.46 4.66
C TYR A 198 -13.46 3.29 3.67
N VAL A 199 -12.70 4.36 3.45
CA VAL A 199 -11.56 4.31 2.55
C VAL A 199 -10.45 5.11 3.20
N GLY A 200 -9.21 4.69 2.95
CA GLY A 200 -8.07 5.39 3.51
C GLY A 200 -7.39 6.17 2.40
N ILE A 201 -6.84 7.33 2.75
CA ILE A 201 -6.16 8.16 1.77
C ILE A 201 -4.96 8.85 2.43
N ARG A 202 -3.94 9.16 1.64
CA ARG A 202 -2.75 9.81 2.15
C ARG A 202 -1.98 10.53 1.05
N TYR A 203 -1.26 11.59 1.43
CA TYR A 203 -0.43 12.37 0.52
C TYR A 203 -1.12 12.86 -0.75
N PHE A 204 -2.23 13.56 -0.61
CA PHE A 204 -2.94 14.10 -1.78
C PHE A 204 -2.24 15.37 -2.27
N LYS A 205 -2.05 15.49 -3.58
CA LYS A 205 -1.40 16.67 -4.17
C LYS A 205 -2.00 17.01 -5.52
N VAL A 206 -1.79 18.26 -5.95
CA VAL A 206 -2.25 18.72 -7.26
C VAL A 206 -1.10 19.53 -7.88
N PHE A 207 -0.82 19.27 -9.16
CA PHE A 207 0.26 19.96 -9.87
C PHE A 207 -0.32 20.71 -11.06
N ASP A 208 0.28 21.85 -11.40
CA ASP A 208 -0.22 22.62 -12.53
C ASP A 208 0.54 22.34 -13.82
N THR A 209 0.94 21.09 -13.99
CA THR A 209 1.62 20.61 -15.19
C THR A 209 1.30 19.13 -15.34
N GLU A 210 1.67 18.57 -16.47
CA GLU A 210 1.46 17.15 -16.73
C GLU A 210 2.71 16.42 -16.23
N LEU A 211 2.60 15.71 -15.12
CA LEU A 211 3.75 14.99 -14.57
C LEU A 211 4.19 13.91 -15.54
N GLY A 212 5.50 13.71 -15.62
CA GLY A 212 6.05 12.70 -16.49
C GLY A 212 6.26 11.41 -15.72
N LYS A 213 6.53 10.32 -16.44
CA LYS A 213 6.76 9.00 -15.87
C LYS A 213 7.83 9.06 -14.77
N THR A 214 8.92 9.80 -15.03
CA THR A 214 9.99 9.92 -14.07
C THR A 214 9.59 10.63 -12.79
N GLU A 215 8.84 11.72 -12.93
CA GLU A 215 8.37 12.46 -11.77
C GLU A 215 7.50 11.56 -10.89
N ILE A 216 6.62 10.79 -11.55
CA ILE A 216 5.70 9.91 -10.85
C ILE A 216 6.41 8.78 -10.10
N GLU A 217 7.46 8.22 -10.69
CA GLU A 217 8.20 7.12 -10.04
C GLU A 217 8.81 7.63 -8.74
N THR A 218 9.30 8.87 -8.77
CA THR A 218 9.90 9.47 -7.59
C THR A 218 8.86 9.63 -6.48
N LEU A 219 7.72 10.20 -6.83
CA LEU A 219 6.64 10.37 -5.87
C LEU A 219 6.27 9.03 -5.25
N TYR A 220 6.30 8.00 -6.07
CA TYR A 220 5.94 6.65 -5.65
C TYR A 220 6.89 6.04 -4.63
N SER A 221 8.19 6.18 -4.86
CA SER A 221 9.18 5.62 -3.96
C SER A 221 9.64 6.54 -2.83
N ASP A 222 9.42 7.83 -2.98
CA ASP A 222 9.86 8.78 -1.97
C ASP A 222 8.86 9.26 -0.93
N GLU A 223 7.57 9.23 -1.22
CA GLU A 223 6.59 9.73 -0.26
C GLU A 223 6.66 9.01 1.07
N PRO A 224 6.21 7.74 1.12
CA PRO A 224 6.32 7.11 2.45
C PRO A 224 7.82 7.05 2.75
N ASP A 225 8.21 7.24 4.02
CA ASP A 225 9.63 7.20 4.37
C ASP A 225 10.27 5.94 3.79
N PRO A 226 11.08 6.09 2.74
CA PRO A 226 11.76 4.96 2.09
C PRO A 226 12.71 4.14 2.96
N SER A 227 13.16 4.71 4.08
CA SER A 227 14.07 3.98 4.95
C SER A 227 13.36 3.01 5.88
N ILE A 228 12.04 3.10 5.94
CA ILE A 228 11.27 2.22 6.82
C ILE A 228 10.65 1.07 6.04
N LEU A 229 10.86 -0.15 6.52
CA LEU A 229 10.29 -1.33 5.87
C LEU A 229 8.77 -1.27 5.98
N LYS A 230 8.09 -1.94 5.03
CA LYS A 230 6.64 -1.95 5.01
C LYS A 230 6.09 -3.34 5.32
N ASP A 231 4.86 -3.39 5.85
CA ASP A 231 4.23 -4.68 6.09
C ASP A 231 3.44 -4.98 4.82
N PHE A 232 2.84 -6.16 4.77
CA PHE A 232 2.08 -6.60 3.61
C PHE A 232 1.07 -5.60 3.05
N TRP A 233 0.49 -4.77 3.93
CA TRP A 233 -0.52 -3.81 3.50
C TRP A 233 0.06 -2.49 2.98
N GLY A 234 1.33 -2.25 3.24
CA GLY A 234 1.93 -1.01 2.78
C GLY A 234 2.12 -0.05 3.94
N ASN A 235 1.73 -0.46 5.14
CA ASN A 235 1.90 0.36 6.33
C ASN A 235 3.32 0.10 6.85
N TYR A 236 3.75 0.91 7.82
CA TYR A 236 5.08 0.74 8.38
C TYR A 236 5.22 -0.60 9.13
N LEU A 237 6.33 -1.30 8.87
CA LEU A 237 6.57 -2.55 9.56
C LEU A 237 7.01 -2.18 10.98
N LEU A 238 6.53 -2.93 11.96
CA LEU A 238 6.83 -2.62 13.37
C LEU A 238 7.44 -3.74 14.18
N TYR A 239 8.23 -3.35 15.18
CA TYR A 239 8.85 -4.28 16.12
C TYR A 239 7.76 -4.63 17.13
N ASN A 240 7.98 -5.68 17.91
CA ASN A 240 7.04 -6.08 18.95
C ASN A 240 5.60 -6.23 18.48
N LYS A 241 5.43 -6.67 17.24
CA LYS A 241 4.10 -6.85 16.68
C LYS A 241 4.01 -8.20 15.98
N ARG A 242 2.95 -8.95 16.28
CA ARG A 242 2.75 -10.26 15.67
C ARG A 242 2.36 -10.16 14.21
N TYR A 243 2.96 -11.03 13.39
CA TYR A 243 2.68 -11.08 11.96
C TYR A 243 2.67 -12.52 11.48
N TYR A 244 1.99 -12.75 10.36
CA TYR A 244 1.99 -14.05 9.71
C TYR A 244 3.03 -13.86 8.61
N LEU A 245 3.63 -14.95 8.17
CA LEU A 245 4.68 -14.88 7.16
C LEU A 245 4.24 -15.32 5.77
N LEU A 246 4.72 -14.60 4.76
CA LEU A 246 4.43 -14.94 3.38
C LEU A 246 5.71 -14.88 2.56
N ASN A 247 6.02 -15.97 1.86
CA ASN A 247 7.21 -16.03 1.02
C ASN A 247 6.76 -15.66 -0.39
N LEU A 248 7.38 -14.65 -0.96
CA LEU A 248 6.99 -14.18 -2.29
C LEU A 248 7.25 -15.11 -3.48
N LEU A 249 8.04 -16.17 -3.28
CA LEU A 249 8.29 -17.10 -4.37
C LEU A 249 7.25 -18.20 -4.25
N ARG A 250 6.95 -18.59 -3.02
CA ARG A 250 5.95 -19.63 -2.73
C ARG A 250 4.76 -18.99 -2.01
N THR A 251 3.95 -18.22 -2.73
CA THR A 251 2.81 -17.54 -2.13
C THR A 251 1.62 -18.43 -1.76
N ASP A 252 1.53 -19.64 -2.31
CA ASP A 252 0.41 -20.50 -1.94
C ASP A 252 0.80 -21.45 -0.81
N LYS A 253 2.01 -21.26 -0.28
CA LYS A 253 2.52 -22.11 0.82
C LYS A 253 2.49 -21.43 2.19
N SER A 254 2.23 -22.23 3.22
CA SER A 254 2.18 -21.74 4.59
C SER A 254 3.49 -22.07 5.30
N ILE A 255 3.85 -21.27 6.29
CA ILE A 255 5.08 -21.50 7.04
C ILE A 255 4.65 -22.17 8.34
N THR A 256 5.00 -23.44 8.48
CA THR A 256 4.61 -24.20 9.65
C THR A 256 5.73 -24.81 10.48
N GLN A 257 5.47 -24.90 11.77
CA GLN A 257 6.41 -25.42 12.74
C GLN A 257 6.40 -26.95 12.79
N ASN A 258 7.54 -27.56 12.47
CA ASN A 258 7.65 -29.02 12.52
C ASN A 258 8.18 -29.33 13.90
N SER A 259 9.34 -29.97 13.95
CA SER A 259 9.96 -30.28 15.23
C SER A 259 10.44 -28.92 15.70
N ASN A 260 11.73 -28.65 15.45
CA ASN A 260 12.33 -27.39 15.81
C ASN A 260 12.69 -26.72 14.49
N PHE A 261 12.02 -27.17 13.42
CA PHE A 261 12.21 -26.66 12.07
C PHE A 261 10.97 -25.91 11.60
N LEU A 262 11.11 -25.23 10.47
CA LEU A 262 10.00 -24.49 9.85
C LEU A 262 9.85 -24.99 8.41
N ASN A 263 8.69 -25.56 8.10
CA ASN A 263 8.40 -26.08 6.75
C ASN A 263 7.69 -25.06 5.88
N ILE A 264 7.69 -25.29 4.57
CA ILE A 264 7.03 -24.41 3.62
C ILE A 264 6.47 -25.22 2.46
N ASN A 265 5.97 -26.41 2.79
CA ASN A 265 5.38 -27.30 1.78
C ASN A 265 3.88 -27.44 1.94
N GLN A 266 3.36 -27.00 3.08
CA GLN A 266 1.94 -27.08 3.37
C GLN A 266 1.20 -25.95 2.63
N GLN A 267 0.03 -26.26 2.10
CA GLN A 267 -0.76 -25.27 1.36
C GLN A 267 -1.49 -24.28 2.25
N ARG A 268 -1.50 -23.02 1.84
CA ARG A 268 -2.26 -22.01 2.56
C ARG A 268 -3.61 -22.30 1.93
N GLY A 269 -4.64 -22.46 2.73
CA GLY A 269 -5.93 -22.75 2.12
C GLY A 269 -6.39 -21.62 1.23
N VAL A 270 -7.65 -21.72 0.82
CA VAL A 270 -8.27 -20.70 -0.01
C VAL A 270 -9.52 -20.26 0.75
N TYR A 271 -9.78 -18.96 0.75
CA TYR A 271 -10.96 -18.45 1.42
C TYR A 271 -11.79 -17.69 0.39
N GLN A 272 -13.07 -18.03 0.30
CA GLN A 272 -13.92 -17.36 -0.66
C GLN A 272 -15.37 -17.18 -0.27
N LYS A 273 -16.04 -16.36 -1.05
CA LYS A 273 -17.44 -16.06 -0.88
C LYS A 273 -17.97 -15.93 -2.31
N PRO A 274 -18.81 -16.89 -2.73
CA PRO A 274 -19.38 -16.89 -4.09
C PRO A 274 -19.77 -15.54 -4.69
N ASN A 275 -19.17 -15.25 -5.84
CA ASN A 275 -19.42 -14.03 -6.61
C ASN A 275 -18.86 -12.74 -6.03
N ILE A 276 -18.18 -12.83 -4.89
CA ILE A 276 -17.62 -11.64 -4.26
C ILE A 276 -16.10 -11.69 -4.16
N PHE A 277 -15.55 -12.83 -3.72
CA PHE A 277 -14.11 -12.99 -3.64
C PHE A 277 -13.68 -14.44 -3.54
N SER A 278 -12.39 -14.67 -3.80
CA SER A 278 -11.80 -15.99 -3.73
C SER A 278 -10.29 -15.75 -3.70
N ASN A 279 -9.71 -15.86 -2.51
CA ASN A 279 -8.27 -15.62 -2.35
C ASN A 279 -7.60 -16.68 -1.50
N THR A 280 -6.28 -16.78 -1.61
CA THR A 280 -5.53 -17.73 -0.81
C THR A 280 -5.61 -17.14 0.58
N ARG A 281 -5.68 -17.98 1.61
CA ARG A 281 -5.81 -17.45 2.96
C ARG A 281 -4.50 -16.85 3.46
N LEU A 282 -4.60 -15.68 4.08
CA LEU A 282 -3.43 -14.96 4.57
C LEU A 282 -3.09 -15.28 6.02
N TYR A 283 -4.10 -15.38 6.87
CA TYR A 283 -3.88 -15.64 8.28
C TYR A 283 -3.73 -17.12 8.57
N THR A 284 -2.53 -17.64 8.34
CA THR A 284 -2.28 -19.04 8.59
C THR A 284 -0.79 -19.26 8.73
N GLY A 285 -0.41 -20.30 9.46
CA GLY A 285 1.00 -20.57 9.67
C GLY A 285 1.47 -20.02 11.00
N VAL A 286 2.77 -19.99 11.20
CA VAL A 286 3.33 -19.49 12.45
C VAL A 286 3.21 -17.98 12.57
N GLU A 287 3.16 -17.50 13.81
CA GLU A 287 3.14 -16.07 14.03
C GLU A 287 4.55 -15.72 14.41
N VAL A 288 5.04 -14.61 13.88
CA VAL A 288 6.38 -14.15 14.17
C VAL A 288 6.35 -12.75 14.77
N ILE A 289 7.38 -12.42 15.54
CA ILE A 289 7.52 -11.11 16.16
C ILE A 289 8.95 -10.65 15.92
N ILE A 290 9.12 -9.36 15.66
CA ILE A 290 10.46 -8.83 15.43
C ILE A 290 10.89 -8.03 16.64
N ARG A 291 12.09 -8.34 17.14
CA ARG A 291 12.63 -7.65 18.31
C ARG A 291 13.92 -6.92 17.95
N LYS A 292 14.10 -5.73 18.50
CA LYS A 292 15.31 -4.94 18.25
C LYS A 292 16.53 -5.59 18.88
N ASN A 293 17.70 -5.35 18.28
CA ASN A 293 18.96 -5.90 18.77
C ASN A 293 19.18 -5.59 20.25
N ASN A 300 14.95 3.25 18.90
CA ASN A 300 15.02 3.66 20.33
C ASN A 300 13.86 4.59 20.69
N THR A 301 13.44 5.42 19.75
CA THR A 301 12.36 6.36 20.00
C THR A 301 11.01 5.92 19.41
N ASP A 302 11.05 4.92 18.54
CA ASP A 302 9.82 4.39 17.94
C ASP A 302 10.00 2.92 17.61
N ASN A 303 8.97 2.28 17.08
CA ASN A 303 9.06 0.85 16.74
C ASN A 303 9.08 0.56 15.25
N PHE A 304 9.51 1.54 14.45
CA PHE A 304 9.58 1.36 13.01
C PHE A 304 10.83 0.56 12.68
N VAL A 305 10.68 -0.44 11.82
CA VAL A 305 11.81 -1.25 11.40
C VAL A 305 12.43 -0.57 10.18
N ARG A 306 13.69 -0.17 10.30
CA ARG A 306 14.38 0.52 9.24
C ARG A 306 15.44 -0.32 8.53
N LYS A 307 15.75 0.07 7.31
CA LYS A 307 16.75 -0.62 6.52
C LYS A 307 18.07 -0.63 7.29
N ASN A 308 18.69 -1.81 7.35
CA ASN A 308 19.96 -2.05 8.03
C ASN A 308 19.85 -2.22 9.54
N ASP A 309 18.62 -2.22 10.07
CA ASP A 309 18.44 -2.44 11.51
C ASP A 309 18.91 -3.85 11.83
N LEU A 310 19.43 -4.04 13.05
CA LEU A 310 19.88 -5.35 13.51
C LEU A 310 18.77 -5.86 14.41
N ALA A 311 18.22 -7.03 14.10
CA ALA A 311 17.13 -7.54 14.92
C ALA A 311 17.12 -9.06 15.10
N TYR A 312 16.11 -9.51 15.84
CA TYR A 312 15.89 -10.92 16.09
C TYR A 312 14.49 -11.22 15.61
N ILE A 313 14.29 -12.41 15.06
CA ILE A 313 12.97 -12.84 14.59
C ILE A 313 12.63 -14.08 15.41
N ASN A 314 11.48 -14.03 16.08
CA ASN A 314 11.04 -15.17 16.89
C ASN A 314 9.67 -15.67 16.47
N VAL A 315 9.48 -16.97 16.60
CA VAL A 315 8.18 -17.56 16.31
C VAL A 315 7.50 -17.54 17.66
N VAL A 316 6.27 -17.05 17.71
CA VAL A 316 5.54 -17.03 18.97
C VAL A 316 4.53 -18.18 18.93
N ASP A 317 4.81 -19.20 19.73
CA ASP A 317 4.00 -20.41 19.82
C ASP A 317 3.38 -20.47 21.21
N ARG A 318 2.05 -20.40 21.28
CA ARG A 318 1.33 -20.42 22.54
C ARG A 318 1.94 -19.46 23.56
N ASP A 319 2.19 -18.23 23.13
CA ASP A 319 2.76 -17.21 23.99
C ASP A 319 4.23 -17.43 24.34
N VAL A 320 4.85 -18.45 23.76
CA VAL A 320 6.26 -18.72 24.01
C VAL A 320 7.04 -18.38 22.75
N GLU A 321 8.06 -17.54 22.90
CA GLU A 321 8.87 -17.14 21.75
C GLU A 321 10.08 -18.03 21.54
N TYR A 322 10.33 -18.37 20.27
CA TYR A 322 11.46 -19.20 19.89
C TYR A 322 12.26 -18.49 18.80
N ARG A 323 13.55 -18.28 19.06
CA ARG A 323 14.43 -17.60 18.13
C ARG A 323 14.74 -18.40 16.87
N LEU A 324 14.63 -17.76 15.70
CA LEU A 324 14.97 -18.46 14.47
C LEU A 324 16.49 -18.47 14.49
N TYR A 325 17.07 -19.66 14.34
CA TYR A 325 18.52 -19.82 14.37
C TYR A 325 19.00 -20.52 13.12
N ALA A 326 20.02 -19.95 12.47
CA ALA A 326 20.58 -20.57 11.28
C ALA A 326 21.63 -21.58 11.74
N ASP A 327 21.32 -22.87 11.60
CA ASP A 327 22.25 -23.93 12.00
C ASP A 327 23.51 -23.87 11.13
N ILE A 328 24.54 -23.21 11.62
CA ILE A 328 25.79 -23.03 10.88
C ILE A 328 26.71 -24.25 10.87
N SER A 329 26.31 -25.32 11.54
CA SER A 329 27.12 -26.53 11.61
C SER A 329 27.10 -27.34 10.31
N ILE A 330 26.04 -27.15 9.53
CA ILE A 330 25.85 -27.87 8.27
C ILE A 330 27.05 -27.87 7.31
N ALA A 331 27.52 -26.68 6.94
CA ALA A 331 28.66 -26.50 6.04
C ALA A 331 28.31 -26.42 4.55
N LYS A 332 27.02 -26.25 4.25
CA LYS A 332 26.56 -26.13 2.87
C LYS A 332 26.13 -24.69 2.69
N PRO A 333 25.76 -24.29 1.47
CA PRO A 333 25.35 -22.89 1.36
C PRO A 333 24.04 -22.67 2.13
N GLU A 334 23.26 -23.74 2.32
CA GLU A 334 21.99 -23.66 3.03
C GLU A 334 22.13 -24.07 4.50
N LYS A 335 21.85 -23.13 5.39
CA LYS A 335 21.91 -23.40 6.82
C LYS A 335 20.47 -23.46 7.28
N ILE A 336 19.99 -24.66 7.58
CA ILE A 336 18.61 -24.84 7.99
C ILE A 336 18.27 -24.10 9.27
N ILE A 337 17.14 -23.40 9.24
CA ILE A 337 16.68 -22.64 10.38
C ILE A 337 16.09 -23.57 11.44
N LYS A 338 16.45 -23.32 12.70
CA LYS A 338 15.94 -24.12 13.80
C LYS A 338 15.40 -23.17 14.86
N LEU A 339 14.52 -23.68 15.71
CA LEU A 339 13.91 -22.87 16.75
C LEU A 339 14.51 -23.14 18.12
N ILE A 340 15.07 -22.11 18.72
CA ILE A 340 15.67 -22.23 20.05
C ILE A 340 14.93 -21.31 21.01
N ARG A 341 14.39 -21.88 22.07
CA ARG A 341 13.64 -21.11 23.07
C ARG A 341 14.53 -19.98 23.55
N THR A 342 13.97 -18.77 23.62
CA THR A 342 14.73 -17.61 24.07
C THR A 342 14.90 -17.60 25.59
N LEU A 349 22.24 -14.35 22.16
CA LEU A 349 22.26 -15.75 21.62
C LEU A 349 23.59 -16.02 20.92
N GLY A 350 23.68 -15.63 19.64
CA GLY A 350 24.89 -15.83 18.88
C GLY A 350 24.85 -15.32 17.45
N GLN A 351 23.67 -14.91 17.00
CA GLN A 351 23.50 -14.41 15.65
C GLN A 351 22.66 -13.14 15.62
N ILE A 352 22.67 -12.47 14.47
CA ILE A 352 21.86 -11.28 14.30
C ILE A 352 21.36 -11.27 12.87
N ILE A 353 20.23 -10.62 12.68
CA ILE A 353 19.63 -10.50 11.36
C ILE A 353 19.64 -9.04 10.95
N VAL A 354 20.08 -8.76 9.73
CA VAL A 354 20.10 -7.40 9.21
C VAL A 354 18.81 -7.22 8.42
N MET A 355 17.98 -6.27 8.83
CA MET A 355 16.73 -6.02 8.14
C MET A 355 16.96 -5.11 6.95
N ASP A 356 16.21 -5.34 5.88
CA ASP A 356 16.31 -4.51 4.69
C ASP A 356 15.12 -4.76 3.78
N SER A 357 14.99 -3.92 2.75
CA SER A 357 13.89 -4.04 1.83
C SER A 357 14.26 -3.69 0.40
N ILE A 358 13.51 -4.29 -0.51
CA ILE A 358 13.66 -4.05 -1.94
C ILE A 358 12.23 -3.67 -2.26
N GLY A 359 11.95 -2.37 -2.26
CA GLY A 359 10.59 -1.92 -2.51
C GLY A 359 9.79 -2.35 -1.30
N ASN A 360 8.64 -2.98 -1.52
CA ASN A 360 7.82 -3.45 -0.41
C ASN A 360 8.26 -4.84 0.04
N ASN A 361 9.29 -5.37 -0.61
CA ASN A 361 9.80 -6.71 -0.27
C ASN A 361 10.81 -6.64 0.87
N CYS A 362 10.66 -7.49 1.87
CA CYS A 362 11.57 -7.53 3.01
C CYS A 362 12.58 -8.69 2.94
N THR A 363 13.82 -8.41 3.34
CA THR A 363 14.86 -9.42 3.37
C THR A 363 15.45 -9.42 4.78
N MET A 364 15.90 -10.59 5.22
CA MET A 364 16.50 -10.76 6.53
C MET A 364 17.82 -11.49 6.33
N ASN A 365 18.93 -10.77 6.58
CA ASN A 365 20.25 -11.34 6.41
C ASN A 365 20.90 -11.81 7.71
N PHE A 366 21.03 -13.13 7.85
CA PHE A 366 21.65 -13.71 9.03
C PHE A 366 23.17 -13.51 8.97
N GLN A 367 23.74 -13.11 10.09
CA GLN A 367 25.18 -12.91 10.22
C GLN A 367 25.58 -13.42 11.60
N ASN A 368 26.83 -13.83 11.76
CA ASN A 368 27.26 -14.29 13.09
C ASN A 368 27.58 -13.05 13.92
N ASN A 369 27.95 -13.24 15.18
CA ASN A 369 28.25 -12.10 16.05
C ASN A 369 29.42 -11.24 15.58
N ASN A 370 30.21 -11.78 14.65
CA ASN A 370 31.36 -11.04 14.11
C ASN A 370 31.05 -10.28 12.84
N GLY A 371 29.79 -10.31 12.42
CA GLY A 371 29.40 -9.60 11.23
C GLY A 371 29.54 -10.44 9.96
N GLY A 372 30.15 -11.61 10.09
CA GLY A 372 30.32 -12.48 8.93
C GLY A 372 28.96 -12.91 8.43
N ASN A 373 28.77 -12.90 7.12
CA ASN A 373 27.51 -13.28 6.52
C ASN A 373 27.24 -14.77 6.55
N ILE A 374 26.01 -15.13 6.93
CA ILE A 374 25.62 -16.54 6.96
C ILE A 374 24.72 -16.77 5.74
N GLY A 375 23.72 -15.92 5.55
CA GLY A 375 22.84 -16.08 4.41
C GLY A 375 21.50 -15.39 4.61
N LEU A 376 20.85 -15.04 3.49
CA LEU A 376 19.54 -14.41 3.57
C LEU A 376 18.51 -15.48 3.90
N LEU A 377 17.50 -15.11 4.67
CA LEU A 377 16.44 -16.03 5.02
C LEU A 377 15.68 -16.38 3.74
N GLY A 378 15.48 -17.67 3.53
CA GLY A 378 14.78 -18.14 2.35
C GLY A 378 14.34 -19.56 2.62
N PHE A 379 14.35 -20.39 1.60
CA PHE A 379 13.96 -21.78 1.78
C PHE A 379 14.72 -22.61 0.76
N HIS A 380 14.93 -23.88 1.07
CA HIS A 380 15.65 -24.70 0.12
C HIS A 380 14.73 -25.71 -0.53
N SER A 381 14.37 -26.73 0.24
CA SER A 381 13.49 -27.77 -0.25
C SER A 381 12.13 -27.49 0.41
N ASN A 382 11.83 -28.23 1.47
CA ASN A 382 10.57 -28.04 2.16
C ASN A 382 10.79 -27.30 3.49
N ASN A 383 12.00 -26.81 3.70
CA ASN A 383 12.32 -26.12 4.95
C ASN A 383 12.94 -24.75 4.76
N LEU A 384 12.70 -23.87 5.73
CA LEU A 384 13.29 -22.54 5.70
C LEU A 384 14.77 -22.65 6.00
N VAL A 385 15.56 -21.80 5.36
CA VAL A 385 17.00 -21.80 5.59
C VAL A 385 17.59 -20.42 5.40
N ALA A 386 18.84 -20.28 5.81
CA ALA A 386 19.59 -19.04 5.63
C ALA A 386 20.55 -19.52 4.54
N SER A 387 20.55 -18.84 3.40
CA SER A 387 21.43 -19.27 2.31
C SER A 387 22.24 -18.17 1.67
N SER A 388 23.54 -18.41 1.50
CA SER A 388 24.42 -17.43 0.88
C SER A 388 24.19 -17.39 -0.63
N TRP A 389 23.46 -18.39 -1.15
CA TRP A 389 23.17 -18.45 -2.59
C TRP A 389 22.46 -17.20 -3.09
N TYR A 390 21.59 -16.66 -2.23
CA TYR A 390 20.82 -15.48 -2.58
C TYR A 390 21.59 -14.21 -2.87
N TYR A 391 22.70 -14.00 -2.16
CA TYR A 391 23.49 -12.77 -2.36
C TYR A 391 23.76 -12.40 -3.81
N ASN A 392 24.11 -13.39 -4.63
CA ASN A 392 24.42 -13.14 -6.05
C ASN A 392 23.36 -13.68 -7.00
N ASN A 393 22.19 -14.03 -6.46
CA ASN A 393 21.14 -14.58 -7.31
C ASN A 393 19.77 -13.97 -7.06
N ILE A 394 19.72 -12.65 -7.00
CA ILE A 394 18.44 -11.97 -6.80
C ILE A 394 17.95 -11.45 -8.13
N ARG A 395 16.73 -11.83 -8.48
CA ARG A 395 16.11 -11.39 -9.73
C ARG A 395 15.75 -9.92 -9.54
N LYS A 396 16.33 -9.09 -10.39
CA LYS A 396 16.20 -7.64 -10.34
C LYS A 396 14.87 -6.93 -10.23
N ASN A 397 13.94 -7.15 -11.15
CA ASN A 397 12.69 -6.40 -11.06
C ASN A 397 11.44 -7.22 -10.85
N THR A 398 11.47 -8.06 -9.82
CA THR A 398 10.33 -8.90 -9.50
C THR A 398 10.40 -9.25 -8.02
N SER A 399 9.26 -9.63 -7.46
CA SER A 399 9.21 -10.01 -6.05
C SER A 399 9.37 -11.53 -5.96
N SER A 400 9.45 -12.18 -7.12
CA SER A 400 9.58 -13.63 -7.18
C SER A 400 10.98 -14.13 -6.83
N ASN A 401 11.36 -13.96 -5.57
CA ASN A 401 12.66 -14.39 -5.06
C ASN A 401 12.42 -15.14 -3.76
N GLY A 402 13.06 -16.30 -3.63
CA GLY A 402 12.88 -17.11 -2.45
C GLY A 402 13.26 -16.45 -1.14
N CYS A 403 14.03 -15.36 -1.23
CA CYS A 403 14.47 -14.64 -0.05
C CYS A 403 13.66 -13.37 0.20
N PHE A 404 12.57 -13.19 -0.53
CA PHE A 404 11.71 -12.02 -0.37
C PHE A 404 10.53 -12.41 0.49
N TRP A 405 10.30 -11.64 1.56
CA TRP A 405 9.20 -11.92 2.47
C TRP A 405 8.24 -10.75 2.69
N SER A 406 7.06 -11.08 3.20
CA SER A 406 6.06 -10.08 3.55
C SER A 406 5.46 -10.46 4.88
N PHE A 407 5.26 -9.46 5.74
CA PHE A 407 4.69 -9.67 7.06
C PHE A 407 3.23 -9.24 7.03
N ILE A 408 2.34 -10.18 7.33
CA ILE A 408 0.92 -9.92 7.29
C ILE A 408 0.30 -9.80 8.69
N SER A 409 -0.25 -8.62 8.98
CA SER A 409 -0.89 -8.40 10.27
C SER A 409 -2.39 -8.57 10.08
N LYS A 410 -3.04 -9.27 11.00
CA LYS A 410 -4.48 -9.48 10.91
C LYS A 410 -5.17 -8.14 11.09
N GLU A 411 -5.99 -7.75 10.12
CA GLU A 411 -6.68 -6.47 10.18
C GLU A 411 -8.13 -6.44 9.73
N HIS A 412 -8.85 -5.43 10.21
CA HIS A 412 -10.26 -5.24 9.91
C HIS A 412 -10.55 -5.13 8.41
N GLY A 413 -9.62 -4.53 7.67
CA GLY A 413 -9.80 -4.36 6.23
C GLY A 413 -9.79 -5.66 5.42
N TRP A 414 -9.34 -6.75 6.02
CA TRP A 414 -9.28 -8.04 5.34
C TRP A 414 -9.67 -9.13 6.35
N GLN A 415 -10.88 -9.65 6.21
CA GLN A 415 -11.37 -10.67 7.15
C GLN A 415 -11.41 -12.08 6.56
N GLU A 416 -11.13 -13.08 7.39
CA GLU A 416 -11.14 -14.46 6.93
C GLU A 416 -11.90 -15.43 7.83
N ASN A 417 -12.12 -16.63 7.28
CA ASN A 417 -12.83 -17.72 7.94
C ASN A 417 -12.10 -18.25 9.16
#